data_5R4B
#
_entry.id   5R4B
#
_cell.length_a   69.149
_cell.length_b   69.149
_cell.length_c   96.024
_cell.angle_alpha   90.000
_cell.angle_beta   90.000
_cell.angle_gamma   90.000
#
_symmetry.space_group_name_H-M   'P 42 21 2'
#
loop_
_entity.id
_entity.type
_entity.pdbx_description
1 polymer gamma-chymotrypsin
2 polymer gamma-chymotrypsin
3 polymer gamma-chymotrypsin
4 polymer 'peptide SWPW'
5 polymer 'peptide TPGVY'
6 non-polymer 'SULFATE ION'
7 non-polymer 'IODIDE ION'
8 water water
#
loop_
_entity_poly.entity_id
_entity_poly.type
_entity_poly.pdbx_seq_one_letter_code
_entity_poly.pdbx_strand_id
1 'polypeptide(L)' CGVPAIQPVLSGL A
2 'polypeptide(L)'
;IVNGEEAVPGSWPWQVSLQDKTGFHFCGGSLINENWVVTAAHCGVTTSDVVVAGEFDQGSSSEKIQKLKIAKVFKNSKYN
SLTINNDITLLKLSTAASFSQTVSAVCLPSASDDFAAGTTCVTTGWGLTRY
;
B
3 'polypeptide(L)'
;ANTPDRLQQASLPLLSNTNCKKYWGTKIKDAMICAGASGVSSCMGDSGGPLVCKKNGAWTLVGIVSWGSSTCSTSTPGVY
ARVTALVNWVQQTLAAN
;
C
4 'polypeptide(L)' SWPW D
5 'polypeptide(L)' TPGVY E
#
loop_
_chem_comp.id
_chem_comp.type
_chem_comp.name
_chem_comp.formula
IOD non-polymer 'IODIDE ION' 'I -1'
SO4 non-polymer 'SULFATE ION' 'O4 S -2'
#
# COMPACT_ATOMS: atom_id res chain seq x y z
N CYS A 1 -15.22 4.81 -6.19
CA CYS A 1 -13.84 4.38 -5.96
C CYS A 1 -13.55 3.15 -6.84
N GLY A 2 -12.27 2.83 -6.99
CA GLY A 2 -11.85 1.51 -7.41
C GLY A 2 -11.88 1.17 -8.87
N VAL A 3 -12.21 2.11 -9.75
CA VAL A 3 -12.33 1.83 -11.17
C VAL A 3 -11.40 2.76 -11.89
N PRO A 4 -10.17 2.32 -12.19
CA PRO A 4 -9.22 3.19 -12.91
C PRO A 4 -9.77 3.66 -14.22
N ALA A 5 -9.52 4.93 -14.55
CA ALA A 5 -9.84 5.43 -15.88
C ALA A 5 -8.96 4.78 -16.93
N ILE A 6 -7.72 4.45 -16.59
CA ILE A 6 -6.77 3.78 -17.47
C ILE A 6 -6.70 2.35 -16.96
N GLN A 7 -7.28 1.40 -17.68
CA GLN A 7 -7.48 0.06 -17.15
CA GLN A 7 -7.47 0.08 -17.13
C GLN A 7 -6.15 -0.67 -16.99
N PRO A 8 -5.90 -1.28 -15.83
CA PRO A 8 -4.67 -2.06 -15.72
C PRO A 8 -4.73 -3.30 -16.58
N VAL A 9 -3.56 -3.74 -17.05
CA VAL A 9 -3.42 -4.97 -17.84
C VAL A 9 -2.41 -5.87 -17.14
N LEU A 10 -2.89 -7.04 -16.70
CA LEU A 10 -2.09 -8.00 -15.92
C LEU A 10 -1.49 -9.05 -16.76
N ILE B 1 8.93 -5.00 -5.94
CA ILE B 1 8.34 -6.33 -6.30
C ILE B 1 9.33 -7.12 -7.13
N VAL B 2 9.64 -8.31 -6.63
CA VAL B 2 10.49 -9.27 -7.32
C VAL B 2 9.61 -10.13 -8.24
N ASN B 3 10.01 -10.15 -9.50
N ASN B 3 10.02 -10.26 -9.49
CA ASN B 3 9.40 -10.97 -10.52
CA ASN B 3 9.33 -11.07 -10.54
C ASN B 3 7.99 -10.55 -10.88
C ASN B 3 7.99 -10.54 -10.97
N GLY B 4 7.72 -9.26 -10.76
CA GLY B 4 6.57 -8.62 -11.31
C GLY B 4 6.83 -8.13 -12.71
N GLU B 5 6.04 -7.16 -13.12
CA GLU B 5 6.15 -6.57 -14.43
C GLU B 5 5.82 -5.10 -14.35
N GLU B 6 6.21 -4.38 -15.38
CA GLU B 6 5.92 -2.97 -15.43
C GLU B 6 4.42 -2.74 -15.63
N ALA B 7 3.85 -1.80 -14.89
CA ALA B 7 2.44 -1.45 -15.04
C ALA B 7 2.20 -0.61 -16.30
N VAL B 8 0.95 -0.64 -16.77
CA VAL B 8 0.51 0.38 -17.72
C VAL B 8 0.53 1.73 -17.00
N PRO B 9 1.14 2.76 -17.58
CA PRO B 9 1.25 4.04 -16.84
C PRO B 9 -0.12 4.59 -16.45
N GLY B 10 -0.25 5.00 -15.21
CA GLY B 10 -1.49 5.59 -14.74
C GLY B 10 -2.60 4.64 -14.38
N SER B 11 -2.35 3.31 -14.51
CA SER B 11 -3.41 2.32 -14.36
C SER B 11 -3.67 1.89 -12.90
N TRP B 12 -2.88 2.41 -11.96
CA TRP B 12 -3.08 2.18 -10.54
C TRP B 12 -3.15 3.55 -9.87
N PRO B 13 -4.27 4.28 -10.12
CA PRO B 13 -4.25 5.75 -9.89
C PRO B 13 -4.28 6.16 -8.43
N TRP B 14 -4.58 5.22 -7.54
CA TRP B 14 -4.47 5.44 -6.11
C TRP B 14 -3.07 5.26 -5.58
N GLN B 15 -2.15 4.64 -6.35
CA GLN B 15 -0.80 4.40 -5.87
C GLN B 15 -0.08 5.75 -5.73
N VAL B 16 0.43 6.00 -4.52
CA VAL B 16 1.31 7.17 -4.28
C VAL B 16 2.66 6.68 -3.81
N SER B 17 3.59 7.60 -3.88
CA SER B 17 4.95 7.44 -3.34
C SER B 17 5.13 8.36 -2.18
N LEU B 18 5.69 7.83 -1.10
CA LEU B 18 6.09 8.66 0.04
CA LEU B 18 6.11 8.64 0.04
C LEU B 18 7.58 8.92 -0.13
N GLN B 19 7.91 10.20 -0.20
CA GLN B 19 9.29 10.66 -0.43
C GLN B 19 9.69 11.57 0.71
N ASP B 20 10.98 11.47 1.07
CA ASP B 20 11.52 12.34 2.07
C ASP B 20 11.97 13.66 1.46
N LYS B 21 12.56 14.54 2.27
CA LYS B 21 12.96 15.87 1.77
C LYS B 21 13.95 15.81 0.65
N THR B 22 14.75 14.75 0.60
CA THR B 22 15.76 14.61 -0.43
C THR B 22 15.19 14.06 -1.73
N GLY B 23 13.89 13.74 -1.77
CA GLY B 23 13.26 13.16 -2.93
C GLY B 23 13.32 11.65 -3.00
N PHE B 24 13.79 11.03 -1.94
CA PHE B 24 13.98 9.59 -1.91
C PHE B 24 12.66 8.90 -1.61
N HIS B 25 12.26 7.99 -2.51
CA HIS B 25 11.08 7.11 -2.30
C HIS B 25 11.42 6.08 -1.24
N PHE B 26 10.61 6.04 -0.18
CA PHE B 26 10.83 5.09 0.88
C PHE B 26 9.64 4.17 1.15
N CYS B 27 8.46 4.50 0.65
CA CYS B 27 7.26 3.68 0.91
C CYS B 27 6.23 4.03 -0.14
N GLY B 28 5.26 3.15 -0.30
CA GLY B 28 4.05 3.43 -1.04
C GLY B 28 2.91 3.86 -0.12
N GLY B 29 1.79 4.16 -0.75
CA GLY B 29 0.53 4.44 -0.08
C GLY B 29 -0.59 4.38 -1.10
N SER B 30 -1.82 4.52 -0.62
CA SER B 30 -3.00 4.49 -1.46
C SER B 30 -3.92 5.63 -1.11
N LEU B 31 -4.33 6.40 -2.12
CA LEU B 31 -5.40 7.40 -1.93
C LEU B 31 -6.72 6.70 -1.66
N ILE B 32 -7.43 7.15 -0.62
CA ILE B 32 -8.79 6.67 -0.34
C ILE B 32 -9.84 7.75 -0.62
N ASN B 33 -9.40 8.98 -0.77
CA ASN B 33 -10.22 10.10 -1.25
C ASN B 33 -9.22 11.23 -1.52
N GLU B 34 -9.73 12.40 -1.84
CA GLU B 34 -8.85 13.49 -2.25
C GLU B 34 -7.96 14.01 -1.14
N ASN B 35 -8.33 13.72 0.11
CA ASN B 35 -7.66 14.32 1.27
C ASN B 35 -6.85 13.36 2.13
N TRP B 36 -6.93 12.06 1.83
CA TRP B 36 -6.40 11.03 2.72
C TRP B 36 -5.71 9.92 1.98
N VAL B 37 -4.55 9.53 2.54
CA VAL B 37 -3.76 8.39 2.07
C VAL B 37 -3.62 7.38 3.20
N VAL B 38 -3.79 6.09 2.84
N VAL B 38 -3.72 6.11 2.82
CA VAL B 38 -3.51 4.95 3.73
CA VAL B 38 -3.47 5.06 3.79
C VAL B 38 -2.12 4.43 3.41
C VAL B 38 -2.16 4.37 3.42
N THR B 39 -1.34 4.19 4.44
CA THR B 39 -0.01 3.62 4.29
C THR B 39 0.24 2.71 5.50
N ALA B 40 1.47 2.20 5.61
CA ALA B 40 1.88 1.35 6.74
C ALA B 40 2.38 2.23 7.86
N ALA B 41 2.02 1.89 9.09
CA ALA B 41 2.54 2.61 10.25
C ALA B 41 4.05 2.53 10.34
N HIS B 42 4.63 1.40 9.97
CA HIS B 42 6.07 1.26 10.12
C HIS B 42 6.87 2.10 9.14
N CYS B 43 6.19 2.69 8.14
CA CYS B 43 6.88 3.61 7.24
C CYS B 43 7.39 4.87 7.97
N GLY B 44 6.84 5.19 9.15
CA GLY B 44 7.42 6.25 9.96
C GLY B 44 7.26 7.63 9.36
N VAL B 45 6.20 7.84 8.58
N VAL B 45 6.19 7.84 8.62
CA VAL B 45 5.98 9.12 7.94
CA VAL B 45 5.98 9.10 7.95
C VAL B 45 5.76 10.23 8.97
C VAL B 45 5.96 10.25 8.95
N THR B 46 6.21 11.45 8.64
N THR B 46 6.63 11.33 8.55
CA THR B 46 5.83 12.66 9.41
CA THR B 46 6.60 12.58 9.30
C THR B 46 5.43 13.76 8.44
C THR B 46 5.96 13.65 8.41
N THR B 47 5.07 14.91 9.01
N THR B 47 5.53 14.77 9.02
CA THR B 47 4.77 16.06 8.18
CA THR B 47 4.87 15.86 8.25
C THR B 47 5.99 16.70 7.42
C THR B 47 5.86 16.53 7.33
N SER B 48 7.24 16.20 7.55
N SER B 48 7.11 16.04 7.42
CA SER B 48 8.30 16.66 6.67
CA SER B 48 8.23 16.48 6.56
C SER B 48 8.49 15.85 5.43
C SER B 48 8.33 15.66 5.28
N ASP B 49 7.76 14.75 5.36
N ASP B 49 7.71 14.50 5.24
CA ASP B 49 7.70 13.94 4.15
CA ASP B 49 7.68 13.73 4.01
C ASP B 49 6.57 14.46 3.27
C ASP B 49 6.59 14.29 3.11
N VAL B 50 6.59 13.96 2.03
N VAL B 50 6.61 13.92 1.85
CA VAL B 50 5.70 14.38 0.91
CA VAL B 50 5.53 14.34 0.97
C VAL B 50 4.98 13.16 0.29
C VAL B 50 4.93 13.11 0.34
N VAL B 51 3.68 13.28 -0.03
CA VAL B 51 2.96 12.31 -0.87
C VAL B 51 3.07 12.74 -2.33
N VAL B 52 3.54 11.85 -3.18
CA VAL B 52 3.61 12.13 -4.62
C VAL B 52 2.58 11.28 -5.32
N ALA B 53 1.63 11.94 -5.97
CA ALA B 53 0.58 11.28 -6.72
C ALA B 53 0.81 11.42 -8.22
N GLY B 54 0.33 10.44 -8.95
CA GLY B 54 0.36 10.53 -10.40
C GLY B 54 1.64 10.09 -11.07
N GLU B 55 2.66 9.55 -10.34
N GLU B 55 2.55 9.45 -10.37
CA GLU B 55 3.88 9.06 -11.00
CA GLU B 55 3.80 9.08 -10.94
C GLU B 55 3.67 7.71 -11.66
C GLU B 55 3.69 7.70 -11.62
N PHE B 56 4.50 7.53 -12.67
CA PHE B 56 4.78 6.22 -13.25
C PHE B 56 6.26 5.93 -13.20
N ASP B 57 7.04 6.78 -13.88
CA ASP B 57 8.48 6.68 -13.95
C ASP B 57 9.11 7.73 -13.04
N GLN B 58 9.65 7.29 -11.91
CA GLN B 58 10.24 8.20 -10.95
C GLN B 58 11.53 8.86 -11.45
N GLY B 59 12.06 8.35 -12.56
CA GLY B 59 13.21 8.98 -13.19
C GLY B 59 12.85 9.97 -14.26
N SER B 60 11.56 10.16 -14.53
CA SER B 60 11.11 11.08 -15.60
C SER B 60 10.82 12.45 -14.99
N SER B 61 11.13 13.51 -15.74
CA SER B 61 10.72 14.89 -15.41
C SER B 61 9.51 15.34 -16.17
N SER B 62 8.95 14.48 -17.03
CA SER B 62 7.91 14.91 -17.97
C SER B 62 6.49 14.50 -17.56
N GLU B 63 6.34 13.99 -16.35
CA GLU B 63 5.04 13.57 -15.87
C GLU B 63 4.43 14.70 -15.06
N LYS B 64 3.13 14.83 -15.17
CA LYS B 64 2.41 15.83 -14.38
C LYS B 64 2.04 15.11 -13.07
N ILE B 65 2.91 15.32 -12.11
CA ILE B 65 2.74 14.74 -10.80
C ILE B 65 2.28 15.80 -9.81
N GLN B 66 1.77 15.34 -8.67
CA GLN B 66 1.33 16.22 -7.59
C GLN B 66 2.15 15.89 -6.37
N LYS B 67 2.94 16.85 -5.89
N LYS B 67 2.95 16.85 -5.91
CA LYS B 67 3.76 16.72 -4.65
CA LYS B 67 3.75 16.68 -4.69
C LYS B 67 3.02 17.39 -3.52
C LYS B 67 2.92 17.37 -3.61
N LEU B 68 2.39 16.59 -2.67
CA LEU B 68 1.38 17.03 -1.73
C LEU B 68 1.92 17.00 -0.31
N LYS B 69 1.84 18.15 0.35
CA LYS B 69 2.22 18.26 1.73
C LYS B 69 1.25 17.49 2.64
N ILE B 70 1.81 16.97 3.73
CA ILE B 70 1.08 16.21 4.72
C ILE B 70 0.80 17.12 5.93
N ALA B 71 -0.47 17.28 6.27
CA ALA B 71 -0.87 18.10 7.44
C ALA B 71 -0.74 17.37 8.75
N LYS B 72 -1.11 16.09 8.77
N LYS B 72 -1.11 16.08 8.75
CA LYS B 72 -1.04 15.34 10.01
CA LYS B 72 -1.33 15.35 9.99
C LYS B 72 -0.98 13.88 9.71
C LYS B 72 -1.07 13.85 9.73
N VAL B 73 -0.33 13.19 10.62
CA VAL B 73 -0.12 11.75 10.57
C VAL B 73 -0.91 11.11 11.70
N PHE B 74 -1.73 10.15 11.36
CA PHE B 74 -2.60 9.41 12.30
C PHE B 74 -2.14 7.97 12.28
N LYS B 75 -1.30 7.61 13.21
CA LYS B 75 -0.85 6.23 13.39
CA LYS B 75 -0.91 6.22 13.38
C LYS B 75 -1.94 5.51 14.21
N ASN B 76 -2.45 4.38 13.74
CA ASN B 76 -3.47 3.68 14.51
C ASN B 76 -2.93 3.34 15.88
N SER B 77 -3.69 3.70 16.92
CA SER B 77 -3.31 3.45 18.30
C SER B 77 -2.95 1.97 18.62
N LYS B 78 -3.56 1.07 17.85
CA LYS B 78 -3.38 -0.36 18.03
C LYS B 78 -2.05 -0.86 17.44
N TYR B 79 -1.35 -0.05 16.65
CA TYR B 79 -0.11 -0.46 16.06
C TYR B 79 0.87 -0.92 17.13
N ASN B 80 1.44 -2.09 16.92
CA ASN B 80 2.46 -2.62 17.80
C ASN B 80 3.68 -2.80 16.96
N SER B 81 4.69 -1.93 17.14
CA SER B 81 5.84 -1.99 16.27
C SER B 81 6.78 -3.19 16.59
N LEU B 82 6.64 -3.82 17.76
CA LEU B 82 7.49 -4.96 18.08
C LEU B 82 7.03 -6.18 17.31
N THR B 83 5.69 -6.32 17.10
CA THR B 83 5.10 -7.44 16.34
C THR B 83 4.72 -7.02 14.92
N ILE B 84 4.89 -5.74 14.58
CA ILE B 84 4.44 -5.14 13.33
C ILE B 84 2.97 -5.45 13.08
N ASN B 85 2.15 -5.45 14.11
CA ASN B 85 0.74 -5.75 13.97
C ASN B 85 -0.05 -4.45 13.95
N ASN B 86 -1.21 -4.49 13.27
CA ASN B 86 -2.05 -3.32 13.05
C ASN B 86 -1.27 -2.21 12.35
N ASP B 87 -0.60 -2.60 11.27
CA ASP B 87 0.42 -1.77 10.62
C ASP B 87 -0.21 -0.79 9.62
N ILE B 88 -0.86 0.25 10.16
CA ILE B 88 -1.58 1.21 9.33
C ILE B 88 -1.49 2.60 9.92
N THR B 89 -1.25 3.55 9.01
CA THR B 89 -1.26 4.98 9.27
C THR B 89 -2.11 5.66 8.20
N LEU B 90 -2.83 6.70 8.62
CA LEU B 90 -3.52 7.59 7.74
C LEU B 90 -2.76 8.93 7.68
N LEU B 91 -2.68 9.46 6.45
CA LEU B 91 -2.08 10.79 6.21
C LEU B 91 -3.17 11.71 5.73
N LYS B 92 -3.38 12.81 6.47
CA LYS B 92 -4.28 13.86 6.03
C LYS B 92 -3.48 14.88 5.25
N LEU B 93 -3.85 15.14 4.00
CA LEU B 93 -3.12 16.09 3.17
C LEU B 93 -3.46 17.52 3.55
N SER B 94 -2.47 18.41 3.45
N SER B 94 -2.47 18.40 3.41
CA SER B 94 -2.69 19.81 3.71
CA SER B 94 -2.64 19.82 3.66
C SER B 94 -3.68 20.41 2.71
C SER B 94 -3.57 20.52 2.68
N THR B 95 -3.43 20.09 1.43
CA THR B 95 -4.27 20.52 0.33
C THR B 95 -4.68 19.28 -0.42
N ALA B 96 -5.94 19.22 -0.82
CA ALA B 96 -6.49 18.07 -1.55
C ALA B 96 -5.73 17.76 -2.81
N ALA B 97 -5.59 16.47 -3.11
CA ALA B 97 -5.20 16.03 -4.43
C ALA B 97 -6.28 16.40 -5.42
N SER B 98 -5.85 16.63 -6.66
N SER B 98 -5.87 16.65 -6.66
CA SER B 98 -6.77 16.85 -7.77
CA SER B 98 -6.79 16.89 -7.77
C SER B 98 -6.91 15.53 -8.49
C SER B 98 -6.95 15.63 -8.59
N PHE B 99 -8.11 14.97 -8.48
CA PHE B 99 -8.32 13.69 -9.14
C PHE B 99 -8.41 13.91 -10.65
N SER B 100 -8.02 12.88 -11.38
CA SER B 100 -7.84 12.94 -12.80
C SER B 100 -7.84 11.51 -13.33
N GLN B 101 -7.52 11.34 -14.59
CA GLN B 101 -7.40 9.96 -15.09
C GLN B 101 -6.36 9.17 -14.33
N THR B 102 -5.26 9.81 -13.90
CA THR B 102 -4.13 9.10 -13.30
C THR B 102 -4.10 9.21 -11.78
N VAL B 103 -5.06 9.88 -11.18
CA VAL B 103 -5.08 10.09 -9.72
C VAL B 103 -6.52 9.93 -9.24
N SER B 104 -6.80 8.88 -8.45
CA SER B 104 -8.15 8.62 -7.97
C SER B 104 -8.04 7.62 -6.85
N ALA B 105 -9.18 7.24 -6.26
CA ALA B 105 -9.21 6.51 -4.99
C ALA B 105 -9.46 5.02 -5.16
N VAL B 106 -8.86 4.24 -4.28
CA VAL B 106 -9.16 2.82 -4.15
C VAL B 106 -10.38 2.65 -3.25
N CYS B 107 -11.14 1.54 -3.42
CA CYS B 107 -12.22 1.24 -2.49
C CYS B 107 -11.70 0.62 -1.21
N LEU B 108 -12.46 0.79 -0.14
CA LEU B 108 -12.22 0.13 1.12
C LEU B 108 -13.30 -0.94 1.34
N PRO B 109 -12.96 -2.02 2.05
CA PRO B 109 -13.91 -3.07 2.35
C PRO B 109 -14.79 -2.70 3.53
N SER B 110 -15.87 -3.45 3.70
CA SER B 110 -16.54 -3.48 5.00
C SER B 110 -15.77 -4.42 5.94
N ALA B 111 -15.90 -4.20 7.22
CA ALA B 111 -15.18 -5.01 8.19
C ALA B 111 -15.52 -6.49 8.10
N SER B 112 -16.77 -6.79 7.68
CA SER B 112 -17.28 -8.14 7.55
C SER B 112 -16.98 -8.81 6.22
N ASP B 113 -16.32 -8.16 5.29
CA ASP B 113 -16.08 -8.77 4.00
C ASP B 113 -15.15 -9.96 4.09
N ASP B 114 -15.42 -10.93 3.23
CA ASP B 114 -14.63 -12.14 3.13
C ASP B 114 -13.79 -12.10 1.88
N PHE B 115 -12.48 -12.28 2.05
CA PHE B 115 -11.52 -12.40 0.95
C PHE B 115 -10.88 -13.77 1.09
N ALA B 116 -11.31 -14.73 0.28
CA ALA B 116 -10.97 -16.14 0.50
C ALA B 116 -9.53 -16.46 0.12
N ALA B 117 -8.91 -17.36 0.86
CA ALA B 117 -7.66 -17.95 0.45
C ALA B 117 -7.81 -18.53 -0.94
N GLY B 118 -6.81 -18.28 -1.77
CA GLY B 118 -6.82 -18.70 -3.16
C GLY B 118 -7.28 -17.64 -4.16
N THR B 119 -7.90 -16.56 -3.66
CA THR B 119 -8.25 -15.45 -4.51
C THR B 119 -6.97 -14.81 -5.05
N THR B 120 -6.98 -14.46 -6.33
CA THR B 120 -5.85 -13.75 -6.92
C THR B 120 -6.10 -12.26 -6.87
N CYS B 121 -5.16 -11.58 -6.25
CA CYS B 121 -5.16 -10.12 -6.08
C CYS B 121 -3.90 -9.56 -6.74
N VAL B 122 -3.67 -8.26 -6.57
CA VAL B 122 -2.55 -7.58 -7.20
C VAL B 122 -1.90 -6.67 -6.19
N THR B 123 -0.57 -6.60 -6.22
CA THR B 123 0.15 -5.60 -5.46
C THR B 123 1.01 -4.78 -6.42
N THR B 124 1.28 -3.54 -6.03
CA THR B 124 2.01 -2.60 -6.86
C THR B 124 3.02 -1.83 -6.03
N GLY B 125 4.03 -1.29 -6.70
CA GLY B 125 5.00 -0.46 -6.00
C GLY B 125 6.30 -0.28 -6.75
N TRP B 126 7.14 0.56 -6.14
CA TRP B 126 8.50 0.85 -6.61
C TRP B 126 9.56 0.20 -5.71
N GLY B 127 9.19 -0.84 -4.97
CA GLY B 127 10.17 -1.58 -4.21
C GLY B 127 11.16 -2.35 -5.05
N LEU B 128 12.18 -2.88 -4.40
CA LEU B 128 13.25 -3.59 -5.12
C LEU B 128 12.66 -4.66 -6.02
N THR B 129 13.27 -4.79 -7.19
CA THR B 129 12.98 -5.92 -8.08
C THR B 129 13.97 -7.07 -7.91
N ARG B 130 15.07 -6.80 -7.20
CA ARG B 130 16.08 -7.82 -6.90
C ARG B 130 16.66 -7.44 -5.56
N TYR B 131 16.67 -8.41 -4.67
CA TYR B 131 17.30 -8.25 -3.39
C TYR B 131 18.81 -8.37 -3.53
N ALA C 1 21.45 -4.66 -4.95
CA ALA C 1 19.98 -4.64 -5.08
C ALA C 1 19.59 -3.75 -6.24
N ASN C 2 18.38 -3.93 -6.77
CA ASN C 2 17.89 -3.11 -7.87
C ASN C 2 16.57 -2.43 -7.59
N THR C 3 16.56 -1.09 -7.62
N THR C 3 15.85 1.12 -6.17
CA THR C 3 15.32 -0.34 -7.44
CA THR C 3 14.45 0.91 -6.57
C THR C 3 14.80 0.11 -8.81
C THR C 3 14.23 1.20 -8.06
N PRO C 4 13.55 -0.18 -9.14
N PRO C 4 13.36 0.40 -8.71
CA PRO C 4 12.97 0.22 -10.42
CA PRO C 4 13.09 0.60 -10.13
C PRO C 4 12.54 1.69 -10.48
C PRO C 4 12.53 1.97 -10.33
N ASP C 5 12.76 2.32 -11.63
N ASP C 5 12.79 2.52 -11.50
CA ASP C 5 12.24 3.66 -11.86
CA ASP C 5 12.19 3.77 -11.85
C ASP C 5 10.72 3.62 -12.11
C ASP C 5 10.69 3.64 -12.10
N ARG C 6 10.28 2.60 -12.83
CA ARG C 6 8.90 2.48 -13.32
C ARG C 6 8.08 1.60 -12.39
N LEU C 7 6.83 2.02 -12.17
CA LEU C 7 5.92 1.31 -11.27
C LEU C 7 5.76 -0.15 -11.73
N GLN C 8 5.86 -1.06 -10.75
CA GLN C 8 5.69 -2.49 -10.99
C GLN C 8 4.38 -2.99 -10.41
N GLN C 9 3.97 -4.15 -10.92
CA GLN C 9 2.76 -4.84 -10.46
C GLN C 9 3.03 -6.33 -10.44
N ALA C 10 2.25 -7.05 -9.66
CA ALA C 10 2.26 -8.50 -9.71
C ALA C 10 0.92 -9.02 -9.23
N SER C 11 0.42 -10.04 -9.91
N SER C 11 0.41 -10.05 -9.88
CA SER C 11 -0.69 -10.85 -9.41
CA SER C 11 -0.72 -10.79 -9.32
C SER C 11 -0.15 -11.84 -8.38
C SER C 11 -0.23 -11.93 -8.45
N LEU C 12 -0.97 -12.20 -7.38
CA LEU C 12 -0.53 -13.14 -6.35
C LEU C 12 -1.74 -13.59 -5.56
N PRO C 13 -1.70 -14.78 -4.97
CA PRO C 13 -2.86 -15.30 -4.26
C PRO C 13 -2.85 -14.97 -2.78
N LEU C 14 -4.04 -14.84 -2.22
CA LEU C 14 -4.21 -14.77 -0.77
C LEU C 14 -4.03 -16.16 -0.16
N LEU C 15 -3.45 -16.21 1.03
N LEU C 15 -3.41 -16.19 1.01
CA LEU C 15 -3.36 -17.44 1.80
CA LEU C 15 -3.28 -17.40 1.83
C LEU C 15 -4.31 -17.31 2.98
C LEU C 15 -4.19 -17.29 3.06
N SER C 16 -4.52 -18.41 3.69
CA SER C 16 -5.19 -18.35 5.00
C SER C 16 -4.13 -18.13 6.08
N ASN C 17 -4.52 -17.50 7.19
CA ASN C 17 -3.58 -17.31 8.30
C ASN C 17 -3.09 -18.64 8.85
N THR C 18 -3.97 -19.64 8.91
CA THR C 18 -3.59 -20.92 9.44
C THR C 18 -2.47 -21.52 8.57
N ASN C 19 -2.61 -21.41 7.25
CA ASN C 19 -1.56 -21.92 6.38
C ASN C 19 -0.28 -21.02 6.40
N CYS C 20 -0.46 -19.70 6.48
CA CYS C 20 0.67 -18.78 6.55
C CYS C 20 1.53 -19.07 7.79
N LYS C 21 0.91 -19.52 8.88
CA LYS C 21 1.63 -19.86 10.09
C LYS C 21 2.58 -21.05 9.91
N LYS C 22 2.35 -21.88 8.89
CA LYS C 22 3.33 -22.91 8.59
C LYS C 22 4.70 -22.35 8.18
N TYR C 23 4.72 -21.12 7.64
CA TYR C 23 5.95 -20.39 7.31
C TYR C 23 6.46 -19.53 8.48
N TRP C 24 5.52 -18.78 9.08
CA TRP C 24 5.85 -17.69 9.97
C TRP C 24 5.47 -17.87 11.44
N GLY C 25 4.78 -18.96 11.76
CA GLY C 25 4.42 -19.27 13.14
C GLY C 25 3.62 -18.15 13.78
N THR C 26 3.90 -17.92 15.07
CA THR C 26 3.08 -17.00 15.87
C THR C 26 3.29 -15.54 15.58
N LYS C 27 4.16 -15.25 14.62
CA LYS C 27 4.27 -13.90 14.09
C LYS C 27 3.00 -13.44 13.40
N ILE C 28 2.19 -14.38 12.91
CA ILE C 28 0.98 -14.03 12.17
C ILE C 28 -0.16 -13.77 13.13
N LYS C 29 -0.70 -12.57 13.07
CA LYS C 29 -1.78 -12.11 13.92
C LYS C 29 -3.06 -11.92 13.09
N ASP C 30 -4.21 -11.80 13.76
CA ASP C 30 -5.49 -11.67 13.08
C ASP C 30 -5.56 -10.45 12.17
N ALA C 31 -4.84 -9.37 12.52
CA ALA C 31 -4.81 -8.16 11.71
C ALA C 31 -3.77 -8.18 10.60
N MET C 32 -3.27 -9.36 10.26
CA MET C 32 -2.41 -9.61 9.12
C MET C 32 -3.10 -10.54 8.14
N ILE C 33 -2.76 -10.38 6.86
CA ILE C 33 -3.16 -11.29 5.81
C ILE C 33 -1.93 -11.58 4.99
N CYS C 34 -1.71 -12.85 4.66
CA CYS C 34 -0.58 -13.26 3.85
C CYS C 34 -0.97 -13.42 2.40
N ALA C 35 -0.01 -13.15 1.50
CA ALA C 35 -0.24 -13.31 0.06
C ALA C 35 1.08 -13.57 -0.60
N GLY C 36 1.05 -14.31 -1.71
CA GLY C 36 2.27 -14.62 -2.43
C GLY C 36 2.70 -16.04 -2.24
N ALA C 37 3.99 -16.25 -2.00
CA ALA C 37 4.61 -17.59 -2.04
C ALA C 37 4.35 -18.25 -3.38
N SER C 38 4.28 -17.44 -4.43
CA SER C 38 3.71 -17.83 -5.71
C SER C 38 4.65 -17.57 -6.87
N GLY C 39 5.90 -17.18 -6.60
CA GLY C 39 6.82 -16.80 -7.63
C GLY C 39 7.06 -15.31 -7.76
N VAL C 40 6.38 -14.51 -6.94
CA VAL C 40 6.62 -13.07 -6.81
C VAL C 40 6.77 -12.75 -5.35
N SER C 41 7.31 -11.57 -5.06
CA SER C 41 7.35 -11.08 -3.71
C SER C 41 7.31 -9.58 -3.66
N SER C 42 6.56 -9.01 -2.73
CA SER C 42 6.82 -7.61 -2.36
C SER C 42 8.24 -7.54 -1.77
N CYS C 43 8.79 -6.33 -1.73
CA CYS C 43 10.15 -6.17 -1.27
C CYS C 43 10.36 -4.79 -0.69
N MET C 44 11.59 -4.55 -0.20
N MET C 44 11.57 -4.55 -0.18
CA MET C 44 11.92 -3.26 0.41
CA MET C 44 11.84 -3.27 0.49
C MET C 44 11.53 -2.12 -0.51
C MET C 44 11.53 -2.12 -0.48
N GLY C 45 10.82 -1.11 0.02
CA GLY C 45 10.33 0.00 -0.75
C GLY C 45 8.91 -0.13 -1.24
N ASP C 46 8.34 -1.34 -1.16
CA ASP C 46 6.94 -1.57 -1.48
C ASP C 46 6.01 -1.28 -0.29
N SER C 47 6.59 -1.29 0.93
CA SER C 47 5.82 -1.14 2.14
C SER C 47 4.90 0.05 2.09
N GLY C 48 3.70 -0.15 2.63
CA GLY C 48 2.71 0.92 2.69
C GLY C 48 1.80 0.96 1.47
N GLY C 49 2.23 0.34 0.35
CA GLY C 49 1.42 0.30 -0.84
C GLY C 49 0.34 -0.77 -0.78
N PRO C 50 -0.43 -0.85 -1.85
CA PRO C 50 -1.65 -1.66 -1.88
C PRO C 50 -1.47 -3.10 -2.24
N LEU C 51 -2.34 -3.90 -1.62
CA LEU C 51 -2.74 -5.24 -2.09
C LEU C 51 -4.24 -5.09 -2.38
N VAL C 52 -4.62 -5.15 -3.65
CA VAL C 52 -5.98 -4.91 -4.08
C VAL C 52 -6.56 -6.14 -4.74
N CYS C 53 -7.86 -6.36 -4.53
CA CYS C 53 -8.56 -7.48 -5.13
C CYS C 53 -9.75 -6.91 -5.91
N LYS C 54 -10.02 -7.47 -7.09
N LYS C 54 -9.97 -7.46 -7.10
CA LYS C 54 -11.04 -6.96 -8.04
CA LYS C 54 -11.02 -7.00 -7.95
C LYS C 54 -12.33 -7.76 -7.95
C LYS C 54 -12.24 -7.88 -7.79
N LYS C 55 -13.48 -7.11 -7.97
N LYS C 55 -13.40 -7.21 -7.57
CA LYS C 55 -14.67 -7.89 -8.08
CA LYS C 55 -14.77 -7.83 -7.46
C LYS C 55 -15.49 -6.97 -8.91
C LYS C 55 -15.88 -6.84 -7.83
N ASN C 56 -16.11 -7.53 -9.94
N ASN C 56 -16.92 -7.31 -8.54
CA ASN C 56 -17.06 -6.76 -10.78
CA ASN C 56 -18.02 -6.45 -8.97
C ASN C 56 -16.43 -5.44 -11.19
C ASN C 56 -17.49 -5.22 -9.68
N GLY C 57 -15.20 -5.52 -11.71
N GLY C 57 -16.42 -5.39 -10.46
CA GLY C 57 -14.62 -4.36 -12.37
CA GLY C 57 -15.91 -4.34 -11.31
C GLY C 57 -13.95 -3.33 -11.49
C GLY C 57 -15.00 -3.32 -10.67
N ALA C 58 -14.03 -3.51 -10.17
N ALA C 58 -14.69 -3.48 -9.38
CA ALA C 58 -13.50 -2.54 -9.23
CA ALA C 58 -13.88 -2.48 -8.66
C ALA C 58 -12.57 -3.19 -8.22
C ALA C 58 -12.76 -3.11 -7.86
N TRP C 59 -11.67 -2.38 -7.70
CA TRP C 59 -10.57 -2.80 -6.85
C TRP C 59 -10.74 -2.28 -5.43
N THR C 60 -10.62 -3.24 -4.49
CA THR C 60 -10.72 -2.93 -3.07
C THR C 60 -9.41 -3.24 -2.39
N LEU C 61 -9.02 -2.33 -1.48
CA LEU C 61 -7.81 -2.47 -0.67
C LEU C 61 -8.02 -3.52 0.40
N VAL C 62 -7.39 -4.68 0.21
CA VAL C 62 -7.49 -5.80 1.12
C VAL C 62 -6.29 -5.86 2.06
N GLY C 63 -5.12 -5.44 1.56
CA GLY C 63 -3.92 -5.43 2.36
C GLY C 63 -3.10 -4.20 2.12
N ILE C 64 -2.21 -3.94 3.08
CA ILE C 64 -1.17 -2.88 2.97
C ILE C 64 0.16 -3.61 3.11
N VAL C 65 1.07 -3.42 2.16
CA VAL C 65 2.35 -4.10 2.20
C VAL C 65 3.05 -3.83 3.55
N SER C 66 3.45 -4.89 4.26
CA SER C 66 3.93 -4.75 5.62
C SER C 66 5.31 -5.37 5.82
N TRP C 67 5.44 -6.69 5.77
CA TRP C 67 6.73 -7.29 6.07
C TRP C 67 6.77 -8.65 5.45
N GLY C 68 7.95 -9.24 5.45
CA GLY C 68 8.09 -10.59 5.00
C GLY C 68 9.54 -10.99 5.03
N SER C 69 9.86 -11.90 4.12
N SER C 69 9.88 -11.92 4.13
CA SER C 69 11.20 -12.44 4.01
CA SER C 69 11.21 -12.52 4.11
C SER C 69 12.23 -11.31 3.91
C SER C 69 12.26 -11.44 3.84
N SER C 70 13.31 -11.41 4.68
CA SER C 70 14.37 -10.41 4.60
C SER C 70 15.13 -10.46 3.28
N THR C 71 14.94 -11.53 2.47
CA THR C 71 15.53 -11.65 1.15
C THR C 71 14.48 -11.57 0.03
N CYS C 72 13.25 -11.24 0.38
CA CYS C 72 12.16 -11.14 -0.64
C CYS C 72 12.05 -12.45 -1.44
N SER C 73 12.14 -13.57 -0.73
CA SER C 73 11.99 -14.88 -1.32
C SER C 73 10.62 -15.03 -1.97
N THR C 74 10.58 -15.51 -3.20
CA THR C 74 9.32 -15.69 -3.91
C THR C 74 8.59 -16.97 -3.53
N SER C 75 9.19 -17.80 -2.69
CA SER C 75 8.53 -19.01 -2.23
C SER C 75 8.01 -18.89 -0.79
N THR C 76 8.10 -17.69 -0.19
CA THR C 76 7.63 -17.43 1.17
C THR C 76 6.50 -16.40 1.06
N PRO C 77 5.49 -16.51 1.89
CA PRO C 77 4.41 -15.54 1.76
C PRO C 77 4.82 -14.19 2.31
N GLY C 78 4.38 -13.15 1.62
CA GLY C 78 4.45 -11.81 2.15
C GLY C 78 3.34 -11.57 3.14
N VAL C 79 3.57 -10.60 4.03
CA VAL C 79 2.59 -10.29 5.07
C VAL C 79 2.14 -8.84 4.90
N TYR C 80 0.83 -8.68 4.95
CA TYR C 80 0.17 -7.43 4.67
C TYR C 80 -0.74 -7.07 5.85
N ALA C 81 -0.90 -5.79 6.14
CA ALA C 81 -1.90 -5.41 7.12
C ALA C 81 -3.27 -5.72 6.55
N ARG C 82 -4.13 -6.36 7.35
CA ARG C 82 -5.44 -6.83 6.90
C ARG C 82 -6.45 -5.71 7.04
N VAL C 83 -6.83 -5.11 5.92
CA VAL C 83 -7.64 -3.91 5.95
C VAL C 83 -9.00 -4.14 6.59
N THR C 84 -9.65 -5.30 6.44
CA THR C 84 -10.92 -5.48 7.09
C THR C 84 -10.84 -5.31 8.62
N ALA C 85 -9.68 -5.65 9.21
CA ALA C 85 -9.49 -5.51 10.64
C ALA C 85 -9.26 -4.08 11.09
N LEU C 86 -8.99 -3.19 10.13
CA LEU C 86 -8.50 -1.85 10.35
C LEU C 86 -9.44 -0.78 9.82
N VAL C 87 -10.43 -1.19 9.03
CA VAL C 87 -11.24 -0.20 8.30
C VAL C 87 -12.19 0.55 9.22
N ASN C 88 -12.67 -0.06 10.29
CA ASN C 88 -13.54 0.71 11.19
C ASN C 88 -12.75 1.91 11.77
N TRP C 89 -11.48 1.66 12.06
N TRP C 89 -11.50 1.70 12.16
CA TRP C 89 -10.61 2.73 12.46
CA TRP C 89 -10.65 2.79 12.70
C TRP C 89 -10.43 3.81 11.39
C TRP C 89 -10.40 3.79 11.56
N VAL C 90 -10.27 3.38 10.14
N VAL C 90 -10.13 3.32 10.34
CA VAL C 90 -10.16 4.36 9.07
CA VAL C 90 -9.97 4.27 9.24
C VAL C 90 -11.39 5.25 8.91
C VAL C 90 -11.20 5.17 9.23
N GLN C 91 -12.58 4.66 8.83
N GLN C 91 -12.38 4.56 9.33
CA GLN C 91 -13.77 5.48 8.52
CA GLN C 91 -13.62 5.32 9.32
C GLN C 91 -14.05 6.45 9.64
C GLN C 91 -13.73 6.19 10.61
N GLN C 92 -13.81 6.02 10.86
N GLN C 92 -13.35 5.68 11.77
CA GLN C 92 -14.01 6.89 12.01
CA GLN C 92 -13.42 6.52 12.97
C GLN C 92 -13.08 8.09 11.94
C GLN C 92 -12.50 7.73 12.80
N THR C 93 -11.79 7.81 11.65
N THR C 93 -11.33 7.52 12.21
CA THR C 93 -10.78 8.84 11.68
CA THR C 93 -10.36 8.61 12.05
C THR C 93 -11.10 9.89 10.61
C THR C 93 -10.81 9.69 11.06
N LEU C 94 -11.51 9.43 9.43
N LEU C 94 -11.36 9.27 9.93
CA LEU C 94 -11.93 10.37 8.36
CA LEU C 94 -11.90 10.24 8.98
C LEU C 94 -13.11 11.25 8.79
C LEU C 94 -13.10 11.00 9.58
N ALA C 95 -14.14 10.63 9.33
N ALA C 95 -13.90 10.30 10.38
CA ALA C 95 -15.35 11.37 9.66
CA ALA C 95 -15.13 10.92 10.89
C ALA C 95 -15.15 12.35 10.80
C ALA C 95 -14.77 12.02 11.88
N ALA C 96 -14.19 12.11 11.71
N ALA C 96 -13.63 11.89 12.53
CA ALA C 96 -13.94 13.00 12.86
CA ALA C 96 -13.24 12.77 13.62
C ALA C 96 -12.95 14.09 12.45
C ALA C 96 -12.37 13.93 13.17
N ASN C 97 -12.36 13.99 11.24
N ASN C 97 -11.92 13.95 12.04
CA ASN C 97 -11.33 14.94 10.82
CA ASN C 97 -10.90 14.87 11.45
C ASN C 97 -11.62 15.52 9.45
C ASN C 97 -11.26 15.37 10.05
N SER D 1 13.30 -11.84 8.82
CA SER D 1 12.22 -10.93 8.39
C SER D 1 12.77 -9.50 8.36
N TRP D 2 12.02 -8.65 7.66
CA TRP D 2 12.37 -7.22 7.54
C TRP D 2 11.14 -6.37 7.19
N PRO D 3 11.05 -5.10 7.70
CA PRO D 3 9.93 -4.22 7.29
C PRO D 3 9.97 -3.98 5.78
N TRP D 4 8.84 -3.99 5.09
CA TRP D 4 8.90 -3.89 3.65
C TRP D 4 8.38 -2.52 3.14
N THR E 1 13.26 -16.85 7.18
CA THR E 1 13.71 -15.67 7.95
C THR E 1 13.23 -14.37 7.32
N PRO E 2 12.85 -13.44 8.20
CA PRO E 2 12.00 -12.18 8.07
C PRO E 2 12.49 -10.69 8.17
N GLY E 3 11.70 -9.71 7.67
CA GLY E 3 11.97 -8.19 7.80
C GLY E 3 10.90 -7.14 7.34
N VAL E 4 10.86 -5.91 7.87
CA VAL E 4 9.97 -4.87 7.30
C VAL E 4 10.36 -4.62 5.84
N TYR E 5 9.39 -4.53 4.97
CA TYR E 5 9.79 -4.01 3.71
C TYR E 5 9.74 -2.47 3.73
S SO4 F . -15.13 7.56 -8.95
O1 SO4 F . -13.84 8.28 -8.87
O2 SO4 F . -16.07 8.13 -7.95
O3 SO4 F . -15.71 7.65 -10.31
O4 SO4 F . -14.78 6.12 -8.77
I IOD G . 4.86 13.99 12.73
I IOD H . 4.42 15.00 12.92
S SO4 I . -6.75 6.58 17.33
O1 SO4 I . -6.06 7.33 18.31
O2 SO4 I . -8.16 6.62 17.79
O3 SO4 I . -6.44 5.23 17.11
O4 SO4 I . -6.67 7.27 16.09
S SO4 J . 3.05 23.94 -1.80
O1 SO4 J . 1.70 24.49 -1.62
O2 SO4 J . 4.05 24.55 -0.91
O3 SO4 J . 3.46 24.19 -3.17
O4 SO4 J . 3.01 22.48 -1.57
S SO4 K . 13.25 0.31 -14.64
O1 SO4 K . 14.07 0.65 -13.48
O2 SO4 K . 12.04 1.07 -14.57
O3 SO4 K . 14.04 0.64 -15.85
O4 SO4 K . 12.89 -1.11 -14.82
#